data_3F85
#
_entry.id   3F85
#
_cell.length_a   127.406
_cell.length_b   44.982
_cell.length_c   97.880
_cell.angle_alpha   90.00
_cell.angle_beta   125.35
_cell.angle_gamma   90.00
#
_symmetry.space_group_name_H-M   'C 1 2 1'
#
loop_
_entity.id
_entity.type
_entity.pdbx_description
1 polymer 'homo trimeric fusion of CFA/I fimbrial subunits B'
2 non-polymer 'MAGNESIUM ION'
3 water water
#
_entity_poly.entity_id   1
_entity_poly.type   'polypeptide(L)'
_entity_poly.pdbx_seq_one_letter_code
;MIDLLQADGNALPSAVKLAYSPASKTFESYRVMTQVHTNDATKKVIVKLADTPQLTDVLNSTVQMPISVSWGGQVLSTTA
KEFEAAALGYSASGVNGVSSSQELVISAAPKTAGTAPTAGNYSGVVSLVMTLGSDNKQVEKNITVTASVDPVIDLLQADG
NALPSAVKLAYSPASKTFESYRVMTQVHTNDATKKVIVKLADTPQLTDVLNSTVQMPISVSWGGQVLSTTAKEFEAAALG
YSASGVNGVSSSQELVISAAPKTAGTAPTAGNYSGVVSLVMTLGSDNKQVEKNITVTASVDPVIDLLQADGNALPSAVKL
AYSPASKTFESYRVMTQVHTNDATKKVIVKLADTPQLTDVLNSTVQMPISVSWGGQVLSTTAKEFEAAALGYSASGVNGV
SSSQELVISAAPKTAGTAPTAGNYSGVVSLVMTLGSDNKQVEKNITVTASVDPVILEHHHHHH
;
_entity_poly.pdbx_strand_id   A
#
loop_
_chem_comp.id
_chem_comp.type
_chem_comp.name
_chem_comp.formula
MG non-polymer 'MAGNESIUM ION' 'Mg 2'
#
# COMPACT_ATOMS: atom_id res chain seq x y z
N MET A 1 -5.71 -32.55 -60.85
CA MET A 1 -5.97 -31.70 -59.63
C MET A 1 -4.80 -30.75 -59.28
N ILE A 2 -5.11 -29.77 -58.43
CA ILE A 2 -4.16 -29.17 -57.51
C ILE A 2 -4.72 -29.26 -56.07
N ASP A 3 -3.85 -29.60 -55.14
CA ASP A 3 -4.17 -29.57 -53.72
C ASP A 3 -3.00 -29.09 -52.87
N LEU A 4 -3.33 -28.43 -51.78
CA LEU A 4 -2.36 -28.07 -50.77
C LEU A 4 -2.65 -28.80 -49.49
N LEU A 5 -1.69 -29.63 -49.10
CA LEU A 5 -1.76 -30.45 -47.88
C LEU A 5 -0.56 -30.14 -46.98
N GLN A 6 -0.65 -30.54 -45.72
CA GLN A 6 0.52 -30.61 -44.82
C GLN A 6 1.55 -31.64 -45.31
N ALA A 7 2.81 -31.40 -44.99
CA ALA A 7 3.93 -32.29 -45.40
C ALA A 7 3.81 -33.76 -44.93
N ASP A 8 3.21 -33.97 -43.75
CA ASP A 8 2.79 -35.30 -43.29
C ASP A 8 1.62 -35.94 -44.08
N GLY A 9 0.88 -35.13 -44.83
CA GLY A 9 -0.22 -35.62 -45.65
C GLY A 9 -1.59 -35.32 -45.10
N ASN A 10 -1.66 -34.74 -43.89
CA ASN A 10 -2.91 -34.24 -43.34
C ASN A 10 -3.41 -33.03 -44.11
N ALA A 11 -4.73 -32.90 -44.20
CA ALA A 11 -5.37 -31.65 -44.67
C ALA A 11 -4.93 -30.50 -43.78
N LEU A 12 -4.58 -29.38 -44.42
CA LEU A 12 -4.56 -28.08 -43.76
C LEU A 12 -5.72 -27.92 -42.76
N PRO A 13 -5.40 -27.40 -41.56
CA PRO A 13 -6.44 -27.06 -40.58
C PRO A 13 -7.38 -25.97 -41.14
N SER A 14 -8.67 -26.11 -40.85
CA SER A 14 -9.63 -25.06 -41.21
C SER A 14 -9.64 -23.91 -40.22
N ALA A 15 -8.91 -24.07 -39.09
CA ALA A 15 -8.78 -23.05 -38.04
C ALA A 15 -7.40 -23.00 -37.36
N VAL A 16 -7.04 -21.77 -36.99
CA VAL A 16 -5.76 -21.44 -36.41
C VAL A 16 -5.97 -20.42 -35.27
N LYS A 17 -5.49 -20.76 -34.06
CA LYS A 17 -5.36 -19.78 -32.96
C LYS A 17 -3.95 -19.21 -32.83
N LEU A 18 -3.87 -17.88 -32.82
CA LEU A 18 -2.60 -17.17 -32.63
C LEU A 18 -2.46 -16.75 -31.18
N ALA A 19 -1.75 -17.60 -30.41
CA ALA A 19 -1.50 -17.37 -28.97
C ALA A 19 -0.94 -15.97 -28.74
N TYR A 20 -1.54 -15.28 -27.77
CA TYR A 20 -1.11 -13.94 -27.36
C TYR A 20 -0.35 -14.06 -26.02
N SER A 21 0.83 -13.42 -25.94
CA SER A 21 1.46 -13.20 -24.63
C SER A 21 1.29 -11.78 -24.19
N PRO A 22 0.66 -11.57 -23.03
CA PRO A 22 0.54 -10.22 -22.45
C PRO A 22 1.90 -9.62 -22.00
N ALA A 23 2.91 -10.47 -21.75
CA ALA A 23 4.29 -10.02 -21.46
C ALA A 23 4.93 -9.28 -22.64
N SER A 24 4.90 -9.89 -23.83
CA SER A 24 5.48 -9.30 -25.03
C SER A 24 4.45 -8.45 -25.87
N LYS A 25 3.16 -8.60 -25.55
CA LYS A 25 2.05 -7.93 -26.29
C LYS A 25 2.01 -8.32 -27.79
N THR A 26 2.51 -9.52 -28.12
CA THR A 26 2.51 -10.02 -29.50
C THR A 26 1.77 -11.30 -29.66
N PHE A 27 1.42 -11.58 -30.91
CA PHE A 27 0.91 -12.89 -31.34
C PHE A 27 2.02 -13.79 -31.87
N GLU A 28 2.03 -15.03 -31.40
CA GLU A 28 2.83 -16.09 -32.00
C GLU A 28 2.24 -16.47 -33.39
N SER A 29 3.08 -16.44 -34.43
CA SER A 29 2.70 -16.90 -35.79
C SER A 29 2.40 -18.38 -35.83
N TYR A 30 1.42 -18.74 -36.66
CA TYR A 30 1.22 -20.12 -37.07
C TYR A 30 2.19 -20.46 -38.16
N ARG A 31 2.90 -21.57 -37.98
CA ARG A 31 3.76 -22.15 -39.02
C ARG A 31 3.40 -23.60 -39.28
N VAL A 32 3.42 -23.97 -40.55
CA VAL A 32 3.15 -25.34 -41.00
C VAL A 32 3.81 -25.61 -42.33
N MET A 33 4.52 -26.74 -42.38
CA MET A 33 5.10 -27.25 -43.62
C MET A 33 3.99 -27.82 -44.49
N THR A 34 4.01 -27.44 -45.78
CA THR A 34 2.99 -27.86 -46.77
C THR A 34 3.62 -28.51 -47.99
N GLN A 35 2.80 -29.24 -48.77
CA GLN A 35 3.18 -29.66 -50.15
C GLN A 35 2.06 -29.45 -51.11
N VAL A 36 2.42 -28.97 -52.31
CA VAL A 36 1.53 -28.97 -53.48
C VAL A 36 1.43 -30.38 -54.04
N HIS A 37 0.20 -30.83 -54.22
CA HIS A 37 -0.11 -32.07 -54.93
C HIS A 37 -0.73 -31.72 -56.27
N THR A 38 -0.01 -32.03 -57.35
CA THR A 38 -0.35 -31.59 -58.71
C THR A 38 -0.63 -32.73 -59.69
N ASN A 39 -1.49 -32.42 -60.69
CA ASN A 39 -1.63 -33.17 -61.95
C ASN A 39 -0.37 -33.12 -62.82
N ASP A 40 0.31 -31.96 -62.81
CA ASP A 40 1.34 -31.62 -63.81
C ASP A 40 2.55 -30.86 -63.20
N ALA A 41 3.68 -31.55 -63.14
CA ALA A 41 4.86 -31.13 -62.35
C ALA A 41 5.81 -30.17 -63.14
N THR A 42 5.42 -29.85 -64.37
CA THR A 42 6.16 -28.91 -65.24
C THR A 42 5.50 -27.52 -65.27
N LYS A 43 4.25 -27.44 -64.78
CA LYS A 43 3.51 -26.19 -64.80
C LYS A 43 3.78 -25.32 -63.57
N LYS A 44 3.75 -24.01 -63.80
CA LYS A 44 3.89 -23.01 -62.76
C LYS A 44 2.69 -23.01 -61.81
N VAL A 45 2.95 -22.66 -60.56
CA VAL A 45 1.93 -22.61 -59.54
C VAL A 45 1.75 -21.18 -59.15
N ILE A 46 0.57 -20.65 -59.46
CA ILE A 46 0.20 -19.26 -59.20
C ILE A 46 -0.52 -19.23 -57.87
N VAL A 47 0.01 -18.42 -56.95
CA VAL A 47 -0.50 -18.34 -55.55
C VAL A 47 -0.90 -16.89 -55.19
N LYS A 48 -2.11 -16.75 -54.65
CA LYS A 48 -2.68 -15.48 -54.19
C LYS A 48 -3.66 -15.64 -53.01
N LEU A 49 -4.01 -14.52 -52.36
CA LEU A 49 -5.14 -14.48 -51.41
C LEU A 49 -6.38 -13.96 -52.11
N ALA A 50 -7.53 -14.56 -51.79
CA ALA A 50 -8.78 -14.18 -52.42
C ALA A 50 -9.19 -12.78 -51.98
N ASP A 51 -8.93 -12.46 -50.71
CA ASP A 51 -9.15 -11.11 -50.15
C ASP A 51 -7.98 -10.76 -49.22
N THR A 52 -7.81 -9.48 -48.94
CA THR A 52 -6.85 -9.03 -47.90
C THR A 52 -7.38 -9.38 -46.48
N PRO A 53 -6.69 -10.30 -45.77
CA PRO A 53 -7.20 -10.82 -44.50
C PRO A 53 -6.91 -9.87 -43.32
N GLN A 54 -7.86 -9.82 -42.40
CA GLN A 54 -7.86 -8.92 -41.26
C GLN A 54 -8.33 -9.76 -40.04
N LEU A 55 -7.74 -9.55 -38.87
CA LEU A 55 -8.44 -9.90 -37.63
C LEU A 55 -9.37 -8.77 -37.21
N THR A 56 -10.64 -9.07 -36.99
CA THR A 56 -11.61 -8.04 -36.59
C THR A 56 -12.15 -8.43 -35.26
N ASP A 57 -12.23 -7.46 -34.33
CA ASP A 57 -12.93 -7.68 -33.05
C ASP A 57 -14.40 -8.03 -33.27
N VAL A 58 -14.79 -9.19 -32.71
CA VAL A 58 -16.18 -9.71 -32.74
C VAL A 58 -17.20 -8.67 -32.22
N LEU A 59 -16.80 -7.91 -31.18
CA LEU A 59 -17.66 -6.91 -30.55
C LEU A 59 -17.65 -5.54 -31.26
N ASN A 60 -16.53 -5.21 -31.91
CA ASN A 60 -16.34 -3.90 -32.56
C ASN A 60 -15.57 -4.00 -33.89
N SER A 61 -16.25 -3.62 -34.97
CA SER A 61 -15.76 -3.85 -36.34
C SER A 61 -14.62 -2.91 -36.79
N THR A 62 -14.54 -1.70 -36.22
CA THR A 62 -13.52 -0.68 -36.59
C THR A 62 -12.10 -1.05 -36.11
N VAL A 63 -12.03 -1.84 -35.02
CA VAL A 63 -10.75 -2.33 -34.50
C VAL A 63 -10.33 -3.58 -35.30
N GLN A 64 -9.30 -3.39 -36.12
CA GLN A 64 -8.80 -4.43 -37.00
C GLN A 64 -7.27 -4.47 -37.06
N MET A 65 -6.75 -5.69 -37.14
CA MET A 65 -5.33 -5.93 -37.31
C MET A 65 -5.13 -6.73 -38.58
N PRO A 66 -4.19 -6.30 -39.41
CA PRO A 66 -3.87 -7.03 -40.64
C PRO A 66 -3.21 -8.39 -40.37
N ILE A 67 -3.68 -9.39 -41.11
CA ILE A 67 -3.03 -10.71 -41.15
C ILE A 67 -1.96 -10.70 -42.26
N SER A 68 -0.81 -11.30 -41.97
CA SER A 68 0.25 -11.47 -42.96
C SER A 68 0.44 -12.92 -43.29
N VAL A 69 0.48 -13.23 -44.58
CA VAL A 69 0.57 -14.61 -45.04
C VAL A 69 1.79 -14.80 -45.88
N SER A 70 2.66 -15.74 -45.48
CA SER A 70 3.74 -16.12 -46.35
C SER A 70 3.71 -17.58 -46.73
N TRP A 71 4.11 -17.87 -47.95
CA TRP A 71 4.22 -19.26 -48.42
C TRP A 71 5.43 -19.43 -49.31
N GLY A 72 6.24 -20.44 -48.98
CA GLY A 72 7.49 -20.73 -49.68
C GLY A 72 8.57 -19.68 -49.48
N GLY A 73 8.51 -18.93 -48.38
CA GLY A 73 9.36 -17.76 -48.17
C GLY A 73 8.89 -16.50 -48.89
N GLN A 74 7.67 -16.51 -49.43
CA GLN A 74 7.10 -15.34 -50.17
C GLN A 74 5.87 -14.82 -49.50
N VAL A 75 5.81 -13.51 -49.36
CA VAL A 75 4.66 -12.83 -48.76
C VAL A 75 3.51 -12.76 -49.78
N LEU A 76 2.30 -13.16 -49.36
CA LEU A 76 1.18 -13.25 -50.28
C LEU A 76 0.30 -12.02 -50.23
N SER A 77 -0.38 -11.76 -51.35
CA SER A 77 -1.39 -10.70 -51.42
C SER A 77 -2.50 -11.10 -52.38
N THR A 78 -3.42 -10.17 -52.66
CA THR A 78 -4.38 -10.33 -53.75
C THR A 78 -3.76 -10.25 -55.14
N THR A 79 -2.47 -9.85 -55.19
CA THR A 79 -1.63 -9.99 -56.36
C THR A 79 -0.86 -11.31 -56.33
N ALA A 80 -1.00 -12.07 -57.42
CA ALA A 80 -0.53 -13.44 -57.48
C ALA A 80 0.95 -13.50 -57.78
N LYS A 81 1.63 -14.38 -57.03
CA LYS A 81 2.97 -14.79 -57.39
C LYS A 81 2.95 -16.10 -58.14
N GLU A 82 3.83 -16.18 -59.14
CA GLU A 82 4.07 -17.39 -59.90
C GLU A 82 5.31 -18.05 -59.38
N PHE A 83 5.15 -19.28 -58.92
CA PHE A 83 6.27 -20.11 -58.51
C PHE A 83 6.63 -21.02 -59.68
N GLU A 84 7.80 -20.80 -60.29
CA GLU A 84 8.40 -21.78 -61.23
C GLU A 84 8.52 -23.17 -60.58
N ALA A 85 8.17 -24.20 -61.37
CA ALA A 85 8.15 -25.58 -60.93
C ALA A 85 9.51 -26.06 -60.39
N ALA A 86 10.61 -25.57 -61.02
CA ALA A 86 12.00 -25.95 -60.68
C ALA A 86 12.34 -25.78 -59.19
N ALA A 87 12.03 -24.62 -58.63
CA ALA A 87 12.26 -24.38 -57.19
C ALA A 87 11.05 -24.67 -56.27
N LEU A 88 10.15 -25.55 -56.72
CA LEU A 88 9.17 -26.21 -55.83
C LEU A 88 9.61 -27.63 -55.42
N GLY A 89 10.61 -28.15 -56.12
CA GLY A 89 11.35 -29.34 -55.72
C GLY A 89 10.58 -30.64 -55.93
N TYR A 90 10.07 -30.84 -57.15
CA TYR A 90 9.16 -31.96 -57.47
C TYR A 90 9.84 -33.33 -57.49
N SER A 91 11.14 -33.34 -57.78
CA SER A 91 11.91 -34.58 -57.85
C SER A 91 12.52 -34.99 -56.51
N ALA A 92 12.71 -33.99 -55.63
CA ALA A 92 13.11 -34.17 -54.24
C ALA A 92 12.15 -35.05 -53.42
N SER A 93 10.83 -34.87 -53.63
CA SER A 93 9.77 -35.42 -52.76
C SER A 93 9.64 -36.95 -52.76
N GLY A 94 10.05 -37.57 -53.89
CA GLY A 94 9.91 -39.01 -54.09
C GLY A 94 8.49 -39.49 -54.40
N VAL A 95 7.54 -38.56 -54.51
CA VAL A 95 6.17 -38.87 -54.92
C VAL A 95 5.80 -38.02 -56.14
N ASN A 96 5.26 -38.67 -57.18
CA ASN A 96 4.78 -38.00 -58.41
C ASN A 96 3.67 -36.98 -58.15
N GLY A 97 3.90 -35.75 -58.61
CA GLY A 97 2.95 -34.65 -58.49
C GLY A 97 3.11 -33.83 -57.21
N VAL A 98 4.02 -34.27 -56.34
CA VAL A 98 4.16 -33.72 -55.01
C VAL A 98 5.43 -32.87 -54.91
N SER A 99 5.25 -31.59 -54.55
CA SER A 99 6.35 -30.66 -54.25
C SER A 99 7.10 -31.06 -52.99
N SER A 100 8.30 -30.51 -52.83
CA SER A 100 8.96 -30.44 -51.52
C SER A 100 8.19 -29.55 -50.53
N SER A 101 8.56 -29.63 -49.25
CA SER A 101 8.02 -28.77 -48.20
C SER A 101 8.16 -27.27 -48.46
N GLN A 102 7.01 -26.61 -48.41
CA GLN A 102 6.93 -25.14 -48.43
C GLN A 102 6.29 -24.70 -47.13
N GLU A 103 6.97 -23.80 -46.42
CA GLU A 103 6.41 -23.18 -45.20
C GLU A 103 5.26 -22.23 -45.48
N LEU A 104 4.14 -22.48 -44.81
CA LEU A 104 3.08 -21.50 -44.66
C LEU A 104 3.21 -20.82 -43.30
N VAL A 105 3.21 -19.48 -43.30
CA VAL A 105 3.31 -18.66 -42.08
C VAL A 105 2.14 -17.67 -42.01
N ILE A 106 1.37 -17.74 -40.93
CA ILE A 106 0.28 -16.78 -40.77
C ILE A 106 0.54 -15.97 -39.51
N SER A 107 0.73 -14.66 -39.68
CA SER A 107 1.01 -13.77 -38.57
C SER A 107 0.00 -12.66 -38.45
N ALA A 108 -0.09 -12.07 -37.25
CA ALA A 108 -0.80 -10.82 -37.02
C ALA A 108 -0.07 -9.90 -36.06
N ALA A 109 -0.21 -8.59 -36.32
CA ALA A 109 0.30 -7.55 -35.46
C ALA A 109 -0.60 -6.33 -35.79
N PRO A 110 -0.60 -5.28 -34.94
CA PRO A 110 -1.29 -4.01 -35.31
C PRO A 110 -0.70 -3.41 -36.57
N LYS A 111 -1.54 -2.67 -37.32
CA LYS A 111 -1.15 -1.94 -38.56
C LYS A 111 0.04 -1.00 -38.32
N THR A 112 0.02 -0.32 -37.19
CA THR A 112 1.14 0.52 -36.72
C THR A 112 2.11 -0.35 -35.92
N ALA A 113 3.17 -0.81 -36.59
CA ALA A 113 4.08 -1.84 -36.02
C ALA A 113 4.84 -1.23 -34.85
N GLY A 114 5.03 -2.04 -33.78
CA GLY A 114 5.65 -1.56 -32.56
C GLY A 114 4.68 -1.09 -31.49
N THR A 115 3.39 -1.06 -31.80
CA THR A 115 2.36 -0.71 -30.80
C THR A 115 1.64 -1.94 -30.31
N ALA A 116 0.97 -1.80 -29.17
CA ALA A 116 0.27 -2.88 -28.51
C ALA A 116 -1.18 -3.02 -29.06
N PRO A 117 -1.68 -4.26 -29.21
CA PRO A 117 -3.07 -4.47 -29.67
C PRO A 117 -4.11 -4.11 -28.61
N THR A 118 -5.23 -3.53 -29.05
CA THR A 118 -6.43 -3.30 -28.21
C THR A 118 -7.00 -4.63 -27.68
N ALA A 119 -7.50 -4.62 -26.45
CA ALA A 119 -8.26 -5.74 -25.89
C ALA A 119 -9.47 -6.15 -26.75
N GLY A 120 -9.74 -7.46 -26.78
CA GLY A 120 -10.82 -8.04 -27.57
C GLY A 120 -10.60 -9.46 -28.04
N ASN A 121 -11.69 -10.04 -28.54
CA ASN A 121 -11.67 -11.30 -29.28
C ASN A 121 -11.74 -11.03 -30.75
N TYR A 122 -10.76 -11.59 -31.47
CA TYR A 122 -10.55 -11.28 -32.86
C TYR A 122 -10.76 -12.49 -33.69
N SER A 123 -11.37 -12.29 -34.84
CA SER A 123 -11.47 -13.31 -35.87
C SER A 123 -11.24 -12.78 -37.28
N GLY A 124 -10.76 -13.68 -38.15
CA GLY A 124 -10.94 -13.51 -39.58
C GLY A 124 -10.61 -14.71 -40.42
N VAL A 125 -10.80 -14.57 -41.71
CA VAL A 125 -10.54 -15.68 -42.66
C VAL A 125 -9.36 -15.36 -43.60
N VAL A 126 -8.42 -16.28 -43.66
CA VAL A 126 -7.38 -16.33 -44.69
C VAL A 126 -7.83 -17.27 -45.80
N SER A 127 -7.95 -16.74 -47.02
CA SER A 127 -8.42 -17.52 -48.18
C SER A 127 -7.30 -17.69 -49.19
N LEU A 128 -6.60 -18.82 -49.07
CA LEU A 128 -5.45 -19.15 -49.92
C LEU A 128 -5.91 -19.77 -51.27
N VAL A 129 -5.53 -19.12 -52.38
CA VAL A 129 -5.93 -19.52 -53.74
C VAL A 129 -4.70 -19.92 -54.58
N MET A 130 -4.78 -21.10 -55.19
CA MET A 130 -3.68 -21.70 -55.91
C MET A 130 -4.16 -22.23 -57.25
N THR A 131 -3.45 -21.88 -58.33
CA THR A 131 -3.75 -22.36 -59.71
C THR A 131 -2.56 -23.06 -60.37
N LEU A 132 -2.84 -23.83 -61.44
CA LEU A 132 -1.84 -24.16 -62.50
C LEU A 132 -1.89 -23.19 -63.70
N GLY A 133 -0.77 -23.15 -64.45
CA GLY A 133 -0.75 -22.91 -65.89
C GLY A 133 -1.43 -21.64 -66.41
N SER A 134 -2.20 -21.81 -67.50
CA SER A 134 -3.18 -20.81 -67.99
C SER A 134 -4.60 -20.98 -67.34
N ASP A 135 -4.65 -21.80 -66.27
CA ASP A 135 -5.79 -22.67 -65.97
C ASP A 135 -6.91 -21.98 -65.17
N ASN A 136 -8.04 -22.68 -65.06
CA ASN A 136 -9.11 -22.37 -64.09
C ASN A 136 -9.39 -23.58 -63.15
N LYS A 137 -8.42 -24.49 -63.05
CA LYS A 137 -8.35 -25.49 -61.98
C LYS A 137 -7.68 -24.90 -60.74
N GLN A 138 -8.52 -24.61 -59.74
CA GLN A 138 -8.23 -23.61 -58.72
C GLN A 138 -8.68 -24.13 -57.36
N VAL A 139 -7.70 -24.35 -56.47
CA VAL A 139 -7.99 -24.72 -55.08
C VAL A 139 -7.95 -23.53 -54.11
N GLU A 140 -9.02 -23.39 -53.33
CA GLU A 140 -9.08 -22.41 -52.24
C GLU A 140 -9.13 -23.09 -50.88
N LYS A 141 -8.10 -22.84 -50.06
CA LYS A 141 -8.09 -23.25 -48.65
C LYS A 141 -8.45 -22.06 -47.76
N ASN A 142 -9.57 -22.18 -47.06
CA ASN A 142 -9.98 -21.16 -46.10
C ASN A 142 -9.63 -21.56 -44.70
N ILE A 143 -8.90 -20.68 -44.05
CA ILE A 143 -8.41 -20.91 -42.69
C ILE A 143 -8.93 -19.79 -41.82
N THR A 144 -9.85 -20.16 -40.90
CA THR A 144 -10.35 -19.23 -39.90
C THR A 144 -9.26 -18.96 -38.85
N VAL A 145 -8.81 -17.69 -38.79
CA VAL A 145 -7.80 -17.25 -37.84
C VAL A 145 -8.45 -16.54 -36.68
N THR A 146 -8.07 -16.98 -35.48
CA THR A 146 -8.58 -16.48 -34.19
C THR A 146 -7.41 -15.89 -33.37
N ALA A 147 -7.70 -14.83 -32.57
CA ALA A 147 -6.79 -14.33 -31.50
C ALA A 147 -7.56 -13.65 -30.37
N SER A 148 -7.11 -13.86 -29.13
CA SER A 148 -7.70 -13.18 -27.95
C SER A 148 -6.69 -12.31 -27.24
N VAL A 149 -7.07 -11.06 -27.01
CA VAL A 149 -6.31 -10.17 -26.11
C VAL A 149 -7.19 -9.83 -24.90
N ASP A 150 -6.88 -10.47 -23.77
CA ASP A 150 -7.66 -10.24 -22.52
C ASP A 150 -7.44 -8.81 -22.03
N PRO A 151 -8.55 -8.17 -21.62
CA PRO A 151 -8.50 -6.83 -21.00
C PRO A 151 -7.48 -6.78 -19.86
N VAL A 152 -6.56 -5.81 -19.95
CA VAL A 152 -5.59 -5.53 -18.89
C VAL A 152 -5.76 -4.13 -18.37
N ILE A 153 -5.72 -3.99 -17.05
CA ILE A 153 -5.75 -2.72 -16.34
C ILE A 153 -4.81 -2.83 -15.14
N ASP A 154 -3.88 -1.90 -15.07
CA ASP A 154 -3.01 -1.73 -13.91
C ASP A 154 -2.99 -0.28 -13.47
N LEU A 155 -2.79 -0.07 -12.18
CA LEU A 155 -2.48 1.24 -11.62
C LEU A 155 -1.04 1.28 -11.14
N LEU A 156 -0.28 2.20 -11.70
CA LEU A 156 1.14 2.31 -11.40
C LEU A 156 1.45 3.67 -10.83
N GLN A 157 2.58 3.78 -10.11
CA GLN A 157 3.19 5.09 -9.82
C GLN A 157 3.62 5.72 -11.14
N ALA A 158 3.75 7.05 -11.19
CA ALA A 158 4.05 7.71 -12.43
C ALA A 158 5.53 7.51 -12.94
N ASP A 159 6.43 6.94 -12.09
CA ASP A 159 7.70 6.41 -12.62
C ASP A 159 7.59 4.97 -13.19
N GLY A 160 6.37 4.42 -13.15
CA GLY A 160 6.13 3.09 -13.65
C GLY A 160 6.31 1.95 -12.65
N ASN A 161 6.82 2.26 -11.46
CA ASN A 161 6.88 1.29 -10.34
C ASN A 161 5.50 0.94 -9.81
N ALA A 162 5.35 -0.25 -9.22
CA ALA A 162 4.11 -0.67 -8.50
C ALA A 162 3.85 0.27 -7.35
N LEU A 163 2.57 0.50 -7.06
CA LEU A 163 2.17 1.09 -5.79
C LEU A 163 2.72 0.25 -4.61
N PRO A 164 3.10 0.90 -3.49
CA PRO A 164 3.65 0.16 -2.34
C PRO A 164 2.53 -0.67 -1.68
N SER A 165 2.91 -1.76 -1.02
CA SER A 165 1.94 -2.64 -0.39
C SER A 165 1.56 -2.17 0.99
N ALA A 166 2.42 -1.32 1.58
CA ALA A 166 2.21 -0.72 2.89
C ALA A 166 2.55 0.79 2.91
N VAL A 167 1.82 1.52 3.72
CA VAL A 167 1.98 2.96 3.88
C VAL A 167 1.93 3.25 5.42
N LYS A 168 2.90 4.03 5.94
CA LYS A 168 2.78 4.67 7.28
C LYS A 168 2.26 6.10 7.23
N LEU A 169 1.24 6.37 8.05
CA LEU A 169 0.82 7.74 8.32
C LEU A 169 1.43 8.32 9.61
N ALA A 170 2.33 9.29 9.42
CA ALA A 170 3.05 9.99 10.53
C ALA A 170 2.06 10.73 11.44
N TYR A 171 2.23 10.55 12.74
CA TYR A 171 1.34 11.19 13.73
C TYR A 171 2.06 12.39 14.37
N SER A 172 1.40 13.55 14.39
CA SER A 172 1.86 14.72 15.16
C SER A 172 1.20 14.77 16.58
N PRO A 173 1.98 14.56 17.67
CA PRO A 173 1.43 14.74 19.04
C PRO A 173 1.03 16.19 19.36
N ALA A 174 1.55 17.17 18.60
CA ALA A 174 1.15 18.57 18.81
C ALA A 174 -0.26 18.87 18.27
N SER A 175 -0.48 18.57 16.98
CA SER A 175 -1.73 18.90 16.32
C SER A 175 -2.76 17.76 16.44
N LYS A 176 -2.29 16.59 16.91
CA LYS A 176 -3.15 15.40 17.12
C LYS A 176 -3.80 14.94 15.79
N THR A 177 -3.00 15.09 14.72
CA THR A 177 -3.39 14.69 13.37
C THR A 177 -2.40 13.69 12.78
N PHE A 178 -2.90 12.95 11.79
CA PHE A 178 -2.05 12.14 10.94
C PHE A 178 -1.85 12.83 9.61
N GLU A 179 -0.63 12.75 9.12
CA GLU A 179 -0.28 13.25 7.78
C GLU A 179 -0.68 12.23 6.69
N SER A 180 -1.47 12.70 5.72
CA SER A 180 -1.95 11.90 4.60
C SER A 180 -0.82 11.40 3.69
N TYR A 181 -0.96 10.16 3.24
CA TYR A 181 -0.13 9.60 2.17
C TYR A 181 -0.68 10.11 0.85
N ARG A 182 0.22 10.60 0.00
CA ARG A 182 -0.13 11.14 -1.32
C ARG A 182 0.87 10.63 -2.35
N VAL A 183 0.36 10.17 -3.48
CA VAL A 183 1.17 9.56 -4.53
C VAL A 183 0.50 9.77 -5.87
N MET A 184 1.34 10.07 -6.85
CA MET A 184 0.90 10.32 -8.21
C MET A 184 0.89 9.03 -9.02
N THR A 185 -0.28 8.75 -9.60
CA THR A 185 -0.58 7.44 -10.21
C THR A 185 -0.98 7.61 -11.64
N GLN A 186 -0.83 6.55 -12.43
CA GLN A 186 -1.37 6.51 -13.77
C GLN A 186 -2.02 5.20 -14.05
N VAL A 187 -3.14 5.22 -14.76
CA VAL A 187 -3.78 3.98 -15.26
C VAL A 187 -3.09 3.52 -16.52
N HIS A 188 -2.77 2.24 -16.56
CA HIS A 188 -2.26 1.61 -17.77
C HIS A 188 -3.27 0.58 -18.20
N THR A 189 -3.75 0.73 -19.44
CA THR A 189 -4.69 -0.25 -19.98
C THR A 189 -4.54 -0.48 -21.45
N ASN A 190 -4.91 -1.70 -21.88
CA ASN A 190 -5.02 -2.00 -23.31
C ASN A 190 -6.43 -1.76 -23.93
N ASP A 191 -7.41 -1.41 -23.08
CA ASP A 191 -8.72 -0.94 -23.57
C ASP A 191 -9.06 0.51 -23.13
N ALA A 192 -8.38 1.46 -23.76
CA ALA A 192 -8.35 2.88 -23.33
C ALA A 192 -9.69 3.64 -23.44
N THR A 193 -10.53 3.23 -24.39
CA THR A 193 -11.85 3.86 -24.64
C THR A 193 -12.89 3.64 -23.52
N LYS A 194 -12.72 2.57 -22.73
CA LYS A 194 -13.71 2.18 -21.71
C LYS A 194 -13.63 3.09 -20.49
N LYS A 195 -14.78 3.27 -19.81
CA LYS A 195 -14.79 3.96 -18.53
C LYS A 195 -14.10 3.12 -17.43
N VAL A 196 -13.47 3.84 -16.50
CA VAL A 196 -12.81 3.22 -15.38
C VAL A 196 -13.68 3.46 -14.18
N ILE A 197 -14.08 2.35 -13.55
CA ILE A 197 -15.00 2.35 -12.40
C ILE A 197 -14.18 2.00 -11.16
N VAL A 198 -14.28 2.86 -10.15
CA VAL A 198 -13.38 2.81 -9.00
C VAL A 198 -14.19 2.74 -7.69
N LYS A 199 -13.96 1.66 -6.94
CA LYS A 199 -14.56 1.47 -5.63
C LYS A 199 -13.52 1.00 -4.60
N LEU A 200 -13.94 0.99 -3.34
CA LEU A 200 -13.28 0.21 -2.29
C LEU A 200 -14.07 -1.06 -2.01
N ALA A 201 -13.36 -2.18 -1.80
CA ALA A 201 -14.02 -3.46 -1.44
C ALA A 201 -14.75 -3.40 -0.10
N ASP A 202 -14.14 -2.75 0.88
CA ASP A 202 -14.77 -2.50 2.19
C ASP A 202 -14.38 -1.10 2.67
N THR A 203 -15.20 -0.55 3.59
CA THR A 203 -14.89 0.72 4.26
C THR A 203 -13.63 0.57 5.14
N PRO A 204 -12.53 1.23 4.74
CA PRO A 204 -11.25 1.06 5.42
C PRO A 204 -11.26 1.73 6.80
N GLN A 205 -10.66 1.07 7.78
CA GLN A 205 -10.60 1.57 9.16
C GLN A 205 -9.21 1.41 9.68
N LEU A 206 -8.70 2.46 10.31
CA LEU A 206 -7.52 2.33 11.11
C LEU A 206 -7.87 1.78 12.50
N THR A 207 -7.50 0.52 12.76
CA THR A 207 -7.94 -0.22 13.96
C THR A 207 -6.75 -0.51 14.89
N ASP A 208 -6.93 -0.19 16.18
CA ASP A 208 -5.98 -0.61 17.22
C ASP A 208 -5.72 -2.11 17.10
N VAL A 209 -4.49 -2.42 16.73
CA VAL A 209 -3.96 -3.79 16.61
C VAL A 209 -4.31 -4.71 17.81
N LEU A 210 -4.47 -4.11 19.01
CA LEU A 210 -4.78 -4.84 20.24
C LEU A 210 -6.23 -4.68 20.80
N ASN A 211 -7.04 -3.86 20.12
CA ASN A 211 -8.45 -3.66 20.47
C ASN A 211 -9.26 -3.32 19.22
N SER A 212 -9.87 -4.36 18.67
CA SER A 212 -10.94 -4.32 17.66
C SER A 212 -11.89 -3.13 17.66
N THR A 213 -12.26 -2.64 18.85
CA THR A 213 -13.33 -1.63 18.99
C THR A 213 -12.81 -0.21 18.80
N VAL A 214 -11.51 0.00 19.03
CA VAL A 214 -10.88 1.32 18.88
C VAL A 214 -10.49 1.55 17.40
N GLN A 215 -11.27 2.40 16.73
CA GLN A 215 -11.12 2.65 15.28
C GLN A 215 -11.04 4.14 14.94
N MET A 216 -10.22 4.46 13.94
CA MET A 216 -10.31 5.73 13.22
C MET A 216 -10.66 5.44 11.77
N PRO A 217 -11.59 6.21 11.19
CA PRO A 217 -11.94 6.08 9.75
C PRO A 217 -10.79 6.53 8.81
N ILE A 218 -10.54 5.74 7.78
CA ILE A 218 -9.62 6.09 6.69
C ILE A 218 -10.39 6.75 5.55
N SER A 219 -9.85 7.86 5.01
CA SER A 219 -10.34 8.45 3.77
C SER A 219 -9.39 8.23 2.59
N VAL A 220 -9.98 7.81 1.47
CA VAL A 220 -9.28 7.55 0.22
C VAL A 220 -9.90 8.41 -0.85
N SER A 221 -9.05 9.18 -1.53
CA SER A 221 -9.42 9.75 -2.81
C SER A 221 -8.45 9.42 -3.93
N TRP A 222 -9.02 9.31 -5.13
CA TRP A 222 -8.25 9.14 -6.33
C TRP A 222 -8.84 10.02 -7.43
N GLY A 223 -7.95 10.77 -8.07
CA GLY A 223 -8.30 11.74 -9.09
C GLY A 223 -9.36 12.75 -8.70
N GLY A 224 -9.25 13.25 -7.46
CA GLY A 224 -10.11 14.31 -6.95
C GLY A 224 -11.55 13.91 -6.59
N GLN A 225 -11.79 12.59 -6.49
CA GLN A 225 -13.05 12.06 -5.97
C GLN A 225 -12.79 11.24 -4.73
N VAL A 226 -13.53 11.53 -3.67
CA VAL A 226 -13.59 10.67 -2.49
C VAL A 226 -14.27 9.36 -2.88
N LEU A 227 -13.60 8.24 -2.59
CA LEU A 227 -14.10 6.91 -2.93
C LEU A 227 -14.86 6.26 -1.77
N SER A 228 -15.75 5.33 -2.11
CA SER A 228 -16.44 4.49 -1.14
C SER A 228 -16.68 3.10 -1.73
N THR A 229 -17.48 2.28 -1.02
CA THR A 229 -17.86 0.95 -1.48
C THR A 229 -18.85 1.03 -2.66
N THR A 230 -19.50 2.18 -2.80
CA THR A 230 -20.25 2.55 -3.98
C THR A 230 -19.32 3.09 -5.08
N ALA A 231 -19.42 2.45 -6.24
CA ALA A 231 -18.58 2.71 -7.40
C ALA A 231 -18.73 4.14 -7.94
N LYS A 232 -17.59 4.72 -8.36
CA LYS A 232 -17.55 6.00 -9.09
C LYS A 232 -16.91 5.85 -10.47
N GLU A 233 -17.47 6.58 -11.45
CA GLU A 233 -17.12 6.48 -12.87
C GLU A 233 -16.14 7.57 -13.30
N PHE A 234 -15.13 7.17 -14.08
CA PHE A 234 -14.23 8.10 -14.74
C PHE A 234 -14.29 7.81 -16.22
N GLU A 235 -14.94 8.72 -16.95
CA GLU A 235 -14.96 8.70 -18.40
C GLU A 235 -13.54 8.79 -18.94
N ALA A 236 -13.29 8.02 -20.01
CA ALA A 236 -12.00 8.01 -20.69
C ALA A 236 -11.49 9.42 -21.12
N ALA A 237 -12.42 10.25 -21.64
CA ALA A 237 -12.18 11.68 -21.91
C ALA A 237 -11.71 12.49 -20.70
N ALA A 238 -12.22 12.15 -19.51
CA ALA A 238 -11.89 12.83 -18.27
C ALA A 238 -10.57 12.36 -17.62
N LEU A 239 -9.96 11.30 -18.16
CA LEU A 239 -8.72 10.71 -17.62
C LEU A 239 -7.45 11.16 -18.32
N GLY A 240 -7.59 11.96 -19.37
CA GLY A 240 -6.48 12.64 -20.02
C GLY A 240 -5.50 11.72 -20.76
N TYR A 241 -6.03 10.72 -21.45
CA TYR A 241 -5.22 9.95 -22.41
C TYR A 241 -4.86 10.86 -23.56
N SER A 242 -3.56 10.97 -23.83
CA SER A 242 -3.03 11.81 -24.92
C SER A 242 -3.43 11.25 -26.29
N ALA A 243 -3.95 12.13 -27.14
CA ALA A 243 -4.25 11.81 -28.55
C ALA A 243 -3.05 11.18 -29.31
N SER A 244 -1.84 11.73 -29.06
CA SER A 244 -0.56 11.17 -29.54
C SER A 244 -0.12 9.84 -28.88
N GLY A 245 -0.70 9.52 -27.72
CA GLY A 245 -0.55 8.20 -27.11
C GLY A 245 -1.41 7.12 -27.76
N VAL A 246 -0.82 5.95 -27.96
CA VAL A 246 -1.49 4.67 -27.67
C VAL A 246 -0.45 3.73 -26.97
N ASN A 247 -0.24 4.00 -25.68
CA ASN A 247 -0.04 2.94 -24.72
C ASN A 247 -1.15 2.79 -23.71
N GLY A 248 -2.20 3.60 -23.87
CA GLY A 248 -3.31 3.65 -22.93
C GLY A 248 -2.87 4.01 -21.52
N VAL A 249 -2.04 5.06 -21.43
CA VAL A 249 -1.52 5.55 -20.15
C VAL A 249 -2.22 6.86 -19.85
N SER A 250 -2.93 6.90 -18.72
CA SER A 250 -3.68 8.09 -18.29
C SER A 250 -2.79 9.27 -17.95
N SER A 251 -3.35 10.46 -17.93
CA SER A 251 -2.83 11.57 -17.13
C SER A 251 -2.61 11.16 -15.68
N SER A 252 -1.62 11.81 -15.07
CA SER A 252 -1.27 11.62 -13.69
C SER A 252 -2.43 11.96 -12.77
N GLN A 253 -2.78 10.98 -11.91
CA GLN A 253 -3.88 11.13 -10.92
C GLN A 253 -3.33 10.92 -9.50
N GLU A 254 -3.70 11.81 -8.57
CA GLU A 254 -3.26 11.68 -7.18
C GLU A 254 -4.15 10.73 -6.38
N LEU A 255 -3.50 9.78 -5.74
CA LEU A 255 -4.12 8.93 -4.70
C LEU A 255 -3.75 9.56 -3.34
N VAL A 256 -4.76 9.76 -2.50
CA VAL A 256 -4.57 10.28 -1.12
C VAL A 256 -5.21 9.32 -0.14
N ILE A 257 -4.43 8.89 0.84
CA ILE A 257 -4.98 8.10 1.96
C ILE A 257 -4.74 8.89 3.24
N SER A 258 -5.85 9.23 3.90
CA SER A 258 -5.88 10.05 5.12
C SER A 258 -6.50 9.24 6.27
N ALA A 259 -6.16 9.60 7.49
CA ALA A 259 -6.96 9.20 8.66
C ALA A 259 -7.10 10.34 9.67
N ALA A 260 -8.08 10.19 10.59
CA ALA A 260 -8.40 11.16 11.60
C ALA A 260 -9.18 10.46 12.74
N PRO A 261 -9.14 11.02 13.98
CA PRO A 261 -10.01 10.52 15.07
C PRO A 261 -11.45 10.58 14.64
N LYS A 262 -12.19 9.55 15.04
CA LYS A 262 -13.61 9.44 14.71
C LYS A 262 -14.41 10.70 15.15
N THR A 263 -14.00 11.31 16.27
CA THR A 263 -14.61 12.57 16.70
C THR A 263 -13.68 13.78 16.82
N ALA A 264 -13.93 14.74 15.93
CA ALA A 264 -13.30 16.07 15.89
C ALA A 264 -13.12 16.70 17.26
N GLY A 265 -11.91 17.17 17.50
CA GLY A 265 -11.57 17.83 18.73
C GLY A 265 -10.91 16.91 19.74
N THR A 266 -10.74 15.64 19.38
CA THR A 266 -10.22 14.65 20.33
C THR A 266 -8.88 14.10 19.92
N ALA A 267 -8.16 13.57 20.92
CA ALA A 267 -6.87 12.91 20.73
C ALA A 267 -7.07 11.39 20.51
N PRO A 268 -6.33 10.81 19.56
CA PRO A 268 -6.22 9.35 19.43
C PRO A 268 -5.60 8.72 20.67
N THR A 269 -6.11 7.55 21.07
CA THR A 269 -5.47 6.72 22.10
C THR A 269 -4.13 6.19 21.62
N ALA A 270 -3.13 6.15 22.51
CA ALA A 270 -1.86 5.43 22.28
C ALA A 270 -2.07 4.05 21.68
N GLY A 271 -1.18 3.68 20.79
CA GLY A 271 -1.14 2.32 20.28
C GLY A 271 -0.75 2.27 18.83
N ASN A 272 -0.70 1.05 18.30
CA ASN A 272 -0.38 0.78 16.89
C ASN A 272 -1.65 0.41 16.16
N TYR A 273 -1.85 1.05 15.00
CA TYR A 273 -3.10 0.95 14.24
C TYR A 273 -2.78 0.41 12.89
N SER A 274 -3.73 -0.33 12.31
CA SER A 274 -3.68 -0.77 10.92
C SER A 274 -5.05 -1.04 10.34
N GLY A 275 -5.18 -0.86 9.04
CA GLY A 275 -6.25 -1.45 8.25
C GLY A 275 -5.79 -1.51 6.77
N VAL A 276 -6.66 -2.00 5.90
CA VAL A 276 -6.33 -2.26 4.51
C VAL A 276 -7.23 -1.44 3.61
N VAL A 277 -6.62 -0.62 2.75
CA VAL A 277 -7.35 0.04 1.68
C VAL A 277 -7.32 -0.92 0.48
N SER A 278 -8.48 -1.46 0.16
CA SER A 278 -8.64 -2.37 -1.01
C SER A 278 -9.25 -1.64 -2.16
N LEU A 279 -8.39 -1.05 -2.99
CA LEU A 279 -8.81 -0.27 -4.15
C LEU A 279 -9.21 -1.19 -5.32
N VAL A 280 -10.38 -0.95 -5.92
CA VAL A 280 -10.87 -1.81 -7.02
C VAL A 280 -11.18 -0.99 -8.26
N MET A 281 -10.49 -1.33 -9.33
CA MET A 281 -10.63 -0.61 -10.60
C MET A 281 -11.10 -1.54 -11.69
N THR A 282 -12.23 -1.18 -12.31
CA THR A 282 -12.91 -2.01 -13.32
C THR A 282 -12.89 -1.30 -14.67
N LEU A 283 -12.60 -2.07 -15.74
CA LEU A 283 -12.87 -1.62 -17.10
C LEU A 283 -14.35 -1.77 -17.38
N GLY A 284 -14.93 -0.72 -17.99
CA GLY A 284 -16.36 -0.47 -18.00
C GLY A 284 -17.25 -1.67 -18.28
N SER A 285 -17.06 -2.25 -19.48
CA SER A 285 -17.92 -3.32 -20.01
C SER A 285 -17.17 -4.68 -20.12
N ASP A 286 -15.88 -4.66 -19.79
CA ASP A 286 -14.96 -5.79 -20.02
C ASP A 286 -15.01 -6.87 -18.90
N ASN A 287 -15.74 -6.54 -17.82
CA ASN A 287 -15.86 -7.39 -16.61
C ASN A 287 -14.52 -7.69 -15.85
N LYS A 288 -13.44 -6.97 -16.22
CA LYS A 288 -12.11 -7.20 -15.64
C LYS A 288 -11.77 -6.14 -14.59
N GLN A 289 -11.33 -6.60 -13.42
CA GLN A 289 -10.81 -5.73 -12.36
C GLN A 289 -9.37 -5.98 -11.96
N VAL A 290 -8.67 -4.90 -11.64
CA VAL A 290 -7.52 -4.95 -10.74
C VAL A 290 -7.92 -4.52 -9.32
N GLU A 291 -7.51 -5.34 -8.35
CA GLU A 291 -7.57 -4.97 -6.95
C GLU A 291 -6.18 -4.64 -6.45
N LYS A 292 -6.07 -3.47 -5.83
CA LYS A 292 -4.85 -3.04 -5.12
C LYS A 292 -5.09 -2.92 -3.63
N ASN A 293 -4.35 -3.72 -2.88
CA ASN A 293 -4.41 -3.71 -1.44
C ASN A 293 -3.25 -2.92 -0.92
N ILE A 294 -3.56 -1.89 -0.12
CA ILE A 294 -2.56 -1.11 0.58
C ILE A 294 -2.84 -1.15 2.05
N THR A 295 -1.91 -1.73 2.81
CA THR A 295 -1.95 -1.72 4.26
C THR A 295 -1.55 -0.39 4.78
N VAL A 296 -2.41 0.18 5.61
CA VAL A 296 -2.14 1.48 6.22
C VAL A 296 -1.86 1.32 7.71
N THR A 297 -0.77 1.90 8.19
CA THR A 297 -0.44 1.86 9.61
C THR A 297 -0.18 3.25 10.18
N ALA A 298 -0.33 3.34 11.50
CA ALA A 298 -0.03 4.55 12.26
C ALA A 298 0.39 4.13 13.62
N SER A 299 1.29 4.89 14.22
CA SER A 299 1.72 4.71 15.62
C SER A 299 1.39 5.95 16.44
N VAL A 300 0.56 5.80 17.45
CA VAL A 300 0.46 6.84 18.49
C VAL A 300 1.30 6.40 19.69
N ASP A 301 2.46 7.03 19.84
CA ASP A 301 3.37 6.80 20.99
C ASP A 301 2.68 7.07 22.34
N PRO A 302 2.83 6.15 23.32
CA PRO A 302 2.35 6.42 24.68
C PRO A 302 3.12 7.57 25.28
N VAL A 303 2.38 8.48 25.88
CA VAL A 303 2.92 9.64 26.51
C VAL A 303 2.35 9.72 27.93
N ILE A 304 3.21 10.08 28.89
CA ILE A 304 2.82 10.33 30.29
C ILE A 304 3.64 11.47 30.87
N ASP A 305 2.92 12.42 31.49
CA ASP A 305 3.48 13.61 32.13
C ASP A 305 2.87 13.69 33.51
N LEU A 306 3.64 14.19 34.46
CA LEU A 306 3.12 14.61 35.76
C LEU A 306 3.36 16.09 35.92
N LEU A 307 2.30 16.81 36.16
CA LEU A 307 2.35 18.25 36.32
C LEU A 307 1.65 18.65 37.57
N GLN A 308 1.94 19.85 38.06
CA GLN A 308 1.06 20.52 39.01
C GLN A 308 -0.32 20.60 38.36
N ALA A 309 -1.36 20.60 39.18
CA ALA A 309 -2.75 20.67 38.68
C ALA A 309 -3.09 21.95 37.88
N ASP A 310 -2.32 23.01 38.05
CA ASP A 310 -2.45 24.21 37.23
C ASP A 310 -1.69 24.12 35.86
N GLY A 311 -0.93 23.04 35.67
CA GLY A 311 -0.26 22.74 34.40
C GLY A 311 1.21 23.21 34.35
N ASN A 312 1.68 23.83 35.43
CA ASN A 312 3.13 24.02 35.61
C ASN A 312 3.82 22.69 35.92
N ALA A 313 5.03 22.54 35.37
CA ALA A 313 6.04 21.62 35.88
C ALA A 313 6.15 21.67 37.40
N LEU A 314 6.33 20.50 38.02
CA LEU A 314 6.80 20.37 39.42
C LEU A 314 8.12 21.16 39.65
N PRO A 315 8.41 21.58 40.90
CA PRO A 315 9.61 22.39 41.16
C PRO A 315 10.89 21.53 41.17
N SER A 316 12.00 22.13 40.77
CA SER A 316 13.32 21.53 40.88
C SER A 316 14.12 22.18 42.02
N ALA A 317 13.37 22.72 43.01
CA ALA A 317 13.91 23.22 44.30
C ALA A 317 12.76 23.32 45.30
N VAL A 318 12.80 22.46 46.31
CA VAL A 318 11.92 22.54 47.48
C VAL A 318 12.78 22.86 48.73
N LYS A 319 12.26 23.76 49.58
CA LYS A 319 12.84 24.05 50.89
C LYS A 319 11.81 23.82 52.00
N LEU A 320 12.18 23.01 53.01
CA LEU A 320 11.29 22.75 54.14
C LEU A 320 11.63 23.60 55.39
N ALA A 321 10.66 24.41 55.82
CA ALA A 321 10.75 25.23 57.06
C ALA A 321 10.84 24.38 58.35
N TYR A 322 11.66 24.82 59.31
CA TYR A 322 11.76 24.19 60.63
C TYR A 322 11.14 25.05 61.73
N SER A 323 10.20 24.47 62.49
CA SER A 323 9.78 25.03 63.79
C SER A 323 10.61 24.40 64.91
N PRO A 324 11.35 25.21 65.68
CA PRO A 324 11.97 24.72 66.93
C PRO A 324 11.00 24.59 68.12
N ALA A 325 9.85 25.27 68.05
CA ALA A 325 8.78 25.17 69.07
C ALA A 325 8.17 23.76 69.19
N SER A 326 7.94 23.12 68.05
CA SER A 326 7.39 21.77 67.96
C SER A 326 8.46 20.73 67.55
N LYS A 327 9.66 21.23 67.22
CA LYS A 327 10.84 20.42 66.81
C LYS A 327 10.67 19.64 65.49
N THR A 328 9.77 20.12 64.61
CA THR A 328 9.30 19.38 63.41
C THR A 328 9.35 20.21 62.12
N PHE A 329 9.52 19.52 60.99
CA PHE A 329 9.46 20.11 59.64
C PHE A 329 8.01 20.19 59.14
N GLU A 330 7.67 21.33 58.52
CA GLU A 330 6.49 21.43 57.67
C GLU A 330 6.75 20.72 56.33
N SER A 331 5.84 19.79 55.99
CA SER A 331 5.81 19.06 54.71
C SER A 331 5.68 20.02 53.50
N TYR A 332 6.39 19.68 52.42
CA TYR A 332 6.01 20.12 51.08
C TYR A 332 4.75 19.44 50.56
N ARG A 333 3.78 20.27 50.15
CA ARG A 333 2.53 19.77 49.59
C ARG A 333 2.20 20.45 48.26
N VAL A 334 1.86 19.62 47.25
CA VAL A 334 1.45 20.11 45.93
C VAL A 334 0.43 19.20 45.25
N MET A 335 -0.66 19.78 44.75
CA MET A 335 -1.59 19.06 43.88
C MET A 335 -1.00 18.85 42.50
N THR A 336 -1.03 17.60 42.02
CA THR A 336 -0.47 17.20 40.72
C THR A 336 -1.53 16.45 39.89
N GLN A 337 -1.33 16.42 38.58
CA GLN A 337 -2.12 15.55 37.69
C GLN A 337 -1.24 14.76 36.72
N VAL A 338 -1.62 13.51 36.48
CA VAL A 338 -1.10 12.71 35.35
C VAL A 338 -1.81 13.12 34.04
N HIS A 339 -1.02 13.54 33.07
CA HIS A 339 -1.48 13.73 31.70
C HIS A 339 -1.01 12.54 30.89
N THR A 340 -1.96 11.75 30.38
CA THR A 340 -1.64 10.64 29.46
C THR A 340 -2.60 10.50 28.27
N ASN A 341 -2.13 9.86 27.20
CA ASN A 341 -2.97 9.40 26.10
C ASN A 341 -3.29 7.88 26.16
N ASP A 342 -2.79 7.22 27.19
CA ASP A 342 -3.23 5.83 27.51
C ASP A 342 -3.84 5.68 28.88
N ALA A 343 -5.08 6.14 28.99
CA ALA A 343 -5.75 6.31 30.25
C ALA A 343 -6.56 5.07 30.73
N THR A 344 -6.34 3.90 30.08
CA THR A 344 -6.76 2.57 30.63
C THR A 344 -5.65 1.84 31.38
N LYS A 345 -4.40 2.24 31.16
CA LYS A 345 -3.27 1.52 31.76
C LYS A 345 -3.08 1.89 33.24
N LYS A 346 -2.62 0.92 34.02
CA LYS A 346 -2.13 1.21 35.39
C LYS A 346 -0.88 2.08 35.37
N VAL A 347 -0.80 2.99 36.36
CA VAL A 347 0.34 3.87 36.52
C VAL A 347 1.22 3.37 37.69
N ILE A 348 2.50 3.11 37.39
CA ILE A 348 3.47 2.54 38.33
C ILE A 348 4.43 3.65 38.82
N VAL A 349 4.34 3.98 40.12
CA VAL A 349 5.15 5.04 40.75
C VAL A 349 6.18 4.50 41.76
N LYS A 350 7.45 4.88 41.56
CA LYS A 350 8.58 4.51 42.43
C LYS A 350 9.67 5.60 42.51
N LEU A 351 10.58 5.44 43.48
CA LEU A 351 11.78 6.29 43.59
C LEU A 351 13.01 5.62 42.99
N ALA A 352 13.77 6.38 42.19
CA ALA A 352 14.86 5.81 41.37
C ALA A 352 16.14 5.52 42.15
N ASP A 353 16.56 6.50 42.96
CA ASP A 353 17.40 6.27 44.15
C ASP A 353 16.68 6.74 45.43
N THR A 354 17.15 6.24 46.58
CA THR A 354 16.61 6.62 47.89
C THR A 354 17.20 7.97 48.39
N PRO A 355 16.34 9.00 48.52
CA PRO A 355 16.80 10.37 48.78
C PRO A 355 17.21 10.61 50.24
N GLN A 356 18.27 11.41 50.42
CA GLN A 356 18.71 11.91 51.74
C GLN A 356 18.93 13.43 51.70
N LEU A 357 18.66 14.09 52.83
CA LEU A 357 19.23 15.40 53.10
C LEU A 357 20.62 15.22 53.71
N THR A 358 21.62 15.31 52.84
CA THR A 358 23.04 15.21 53.23
C THR A 358 23.58 16.57 53.66
N ASP A 359 24.30 16.55 54.79
CA ASP A 359 25.13 17.67 55.26
C ASP A 359 26.13 18.12 54.19
N VAL A 360 26.30 19.44 54.06
CA VAL A 360 26.86 20.08 52.84
C VAL A 360 28.40 19.89 52.70
N LEU A 361 29.11 19.96 53.83
CA LEU A 361 30.58 20.03 53.85
C LEU A 361 31.28 18.79 54.46
N ASN A 362 30.55 18.05 55.30
CA ASN A 362 30.88 16.65 55.63
C ASN A 362 29.75 15.71 55.20
N SER A 363 30.09 14.69 54.41
CA SER A 363 29.08 13.82 53.76
C SER A 363 28.79 12.55 54.59
N THR A 364 28.30 12.75 55.82
CA THR A 364 28.09 11.66 56.79
C THR A 364 26.66 11.62 57.37
N VAL A 365 26.32 12.61 58.21
CA VAL A 365 25.02 12.64 58.90
C VAL A 365 23.91 13.06 57.93
N GLN A 366 22.92 12.18 57.76
CA GLN A 366 21.96 12.22 56.66
C GLN A 366 20.53 12.08 57.18
N MET A 367 19.65 12.99 56.74
CA MET A 367 18.25 13.02 57.14
C MET A 367 17.36 12.56 55.94
N PRO A 368 17.03 11.25 55.89
CA PRO A 368 16.42 10.65 54.69
C PRO A 368 14.99 11.13 54.47
N ILE A 369 14.48 10.98 53.25
CA ILE A 369 13.30 11.74 52.81
C ILE A 369 12.13 10.81 52.54
N SER A 370 10.98 11.12 53.19
CA SER A 370 9.70 10.49 52.86
C SER A 370 9.00 11.18 51.69
N VAL A 371 8.57 10.35 50.74
CA VAL A 371 7.76 10.79 49.61
C VAL A 371 6.42 10.02 49.57
N SER A 372 5.34 10.79 49.47
CA SER A 372 4.00 10.26 49.27
C SER A 372 3.43 10.81 47.97
N TRP A 373 2.63 9.99 47.28
CA TRP A 373 1.82 10.47 46.15
C TRP A 373 0.45 9.78 46.12
N GLY A 374 -0.59 10.59 45.84
CA GLY A 374 -1.96 10.11 45.67
C GLY A 374 -2.57 9.43 46.90
N GLY A 375 -2.05 9.76 48.09
CA GLY A 375 -2.47 9.14 49.35
C GLY A 375 -1.85 7.78 49.60
N GLN A 376 -0.66 7.55 49.03
CA GLN A 376 0.06 6.28 49.15
C GLN A 376 1.55 6.55 49.27
N VAL A 377 2.18 5.90 50.26
CA VAL A 377 3.61 6.10 50.57
C VAL A 377 4.49 5.42 49.51
N LEU A 378 5.56 6.12 49.12
CA LEU A 378 6.46 5.65 48.08
C LEU A 378 7.77 5.06 48.60
N SER A 379 8.19 3.96 47.99
CA SER A 379 9.56 3.45 48.10
C SER A 379 10.24 3.29 46.73
N THR A 380 11.47 2.74 46.75
CA THR A 380 12.14 2.27 45.54
C THR A 380 11.53 0.98 44.91
N THR A 381 10.66 0.30 45.67
CA THR A 381 9.74 -0.72 45.16
C THR A 381 8.32 -0.17 44.97
N ALA A 382 7.75 -0.45 43.80
CA ALA A 382 6.69 0.37 43.21
C ALA A 382 5.29 0.06 43.73
N LYS A 383 4.47 1.10 43.84
CA LYS A 383 3.02 0.97 44.06
C LYS A 383 2.24 1.13 42.75
N GLU A 384 1.21 0.30 42.59
CA GLU A 384 0.38 0.26 41.39
C GLU A 384 -0.85 1.13 41.59
N PHE A 385 -1.05 2.05 40.67
CA PHE A 385 -2.26 2.88 40.64
C PHE A 385 -3.13 2.48 39.47
N GLU A 386 -4.24 1.83 39.78
CA GLU A 386 -5.26 1.43 38.78
C GLU A 386 -5.93 2.66 38.15
N ALA A 387 -6.21 2.57 36.85
CA ALA A 387 -6.72 3.68 36.03
C ALA A 387 -8.05 4.26 36.50
N ALA A 388 -8.97 3.36 36.91
CA ALA A 388 -10.24 3.76 37.53
C ALA A 388 -10.02 4.70 38.75
N ALA A 389 -9.02 4.35 39.58
CA ALA A 389 -8.71 5.04 40.86
C ALA A 389 -8.05 6.43 40.72
N LEU A 390 -7.36 6.65 39.59
CA LEU A 390 -6.86 7.99 39.22
C LEU A 390 -7.97 8.94 38.73
N GLY A 391 -9.09 8.36 38.28
CA GLY A 391 -10.31 9.10 37.98
C GLY A 391 -10.17 10.06 36.81
N TYR A 392 -9.80 9.53 35.64
CA TYR A 392 -9.54 10.33 34.42
C TYR A 392 -10.82 10.94 33.83
N SER A 393 -11.92 10.20 34.01
CA SER A 393 -13.26 10.64 33.61
C SER A 393 -13.83 11.67 34.58
N ALA A 394 -13.54 11.45 35.89
CA ALA A 394 -14.16 12.16 37.03
C ALA A 394 -14.04 13.69 37.00
N SER A 395 -12.94 14.16 36.39
CA SER A 395 -12.64 15.58 36.26
C SER A 395 -13.03 16.09 34.85
N GLY A 396 -12.05 16.61 34.10
CA GLY A 396 -12.25 17.79 33.26
C GLY A 396 -11.86 17.56 31.82
N VAL A 397 -10.55 17.72 31.52
CA VAL A 397 -9.98 17.31 30.23
C VAL A 397 -9.81 15.78 30.21
N ASN A 398 -10.12 15.18 29.05
CA ASN A 398 -9.83 13.77 28.78
C ASN A 398 -8.33 13.47 28.85
N GLY A 399 -7.99 12.35 29.47
CA GLY A 399 -6.60 11.92 29.62
C GLY A 399 -5.76 12.71 30.63
N VAL A 400 -6.43 13.43 31.52
CA VAL A 400 -5.81 14.15 32.67
C VAL A 400 -6.49 13.62 33.94
N SER A 401 -5.71 13.02 34.84
CA SER A 401 -6.26 12.47 36.11
C SER A 401 -6.84 13.60 36.96
N SER A 402 -7.78 13.27 37.85
CA SER A 402 -8.15 14.19 38.95
C SER A 402 -6.92 14.47 39.87
N SER A 403 -6.95 15.59 40.58
CA SER A 403 -5.81 16.05 41.42
C SER A 403 -5.36 15.03 42.42
N GLN A 404 -4.07 14.73 42.38
CA GLN A 404 -3.44 13.85 43.35
C GLN A 404 -2.38 14.64 44.11
N GLU A 405 -2.40 14.52 45.44
CA GLU A 405 -1.45 15.23 46.33
C GLU A 405 -0.06 14.60 46.31
N LEU A 406 0.96 15.39 46.02
CA LEU A 406 2.34 15.01 46.34
C LEU A 406 2.77 15.65 47.67
N VAL A 407 3.15 14.78 48.61
CA VAL A 407 3.57 15.18 49.96
C VAL A 407 5.01 14.73 50.16
N ILE A 408 5.91 15.69 50.39
CA ILE A 408 7.31 15.42 50.75
C ILE A 408 7.56 15.96 52.16
N SER A 409 7.71 15.03 53.12
CA SER A 409 8.09 15.37 54.48
C SER A 409 9.33 14.61 54.90
N ALA A 410 10.38 15.36 55.26
CA ALA A 410 11.50 14.84 56.05
C ALA A 410 11.26 15.04 57.54
N ALA A 411 11.53 13.99 58.32
CA ALA A 411 11.76 14.09 59.76
C ALA A 411 12.76 12.99 60.20
N PRO A 412 14.04 13.38 60.43
CA PRO A 412 15.22 12.59 59.98
C PRO A 412 15.08 11.04 60.00
N LYS A 413 15.44 10.40 61.13
CA LYS A 413 15.87 8.99 61.16
C LYS A 413 15.34 8.25 62.41
N THR A 414 15.90 8.58 63.58
CA THR A 414 15.39 8.12 64.88
C THR A 414 14.51 9.18 65.53
N ALA A 415 13.48 8.72 66.26
CA ALA A 415 12.22 9.46 66.40
C ALA A 415 11.97 10.00 67.82
N GLY A 416 11.20 11.11 67.89
CA GLY A 416 10.60 11.59 69.13
C GLY A 416 11.52 12.39 70.06
N THR A 417 12.70 12.75 69.53
CA THR A 417 13.51 13.88 70.03
C THR A 417 13.90 14.81 68.88
N ALA A 418 14.35 16.03 69.24
CA ALA A 418 14.92 17.02 68.31
C ALA A 418 15.97 16.47 67.30
N PRO A 419 15.95 16.96 66.04
CA PRO A 419 17.08 16.81 65.11
C PRO A 419 18.33 17.60 65.55
N THR A 420 19.49 17.17 65.06
CA THR A 420 20.75 17.94 65.20
C THR A 420 20.75 19.18 64.30
N ALA A 421 21.42 20.24 64.74
CA ALA A 421 21.57 21.48 63.99
C ALA A 421 22.48 21.33 62.76
N GLY A 422 22.19 22.15 61.74
CA GLY A 422 22.95 22.17 60.48
C GLY A 422 22.13 22.53 59.26
N ASN A 423 22.85 22.93 58.19
CA ASN A 423 22.31 23.13 56.85
C ASN A 423 22.45 21.87 55.98
N TYR A 424 21.40 21.56 55.22
CA TYR A 424 21.24 20.27 54.55
C TYR A 424 20.76 20.42 53.08
N SER A 425 21.11 19.42 52.24
CA SER A 425 20.71 19.36 50.80
C SER A 425 20.59 17.91 50.29
N GLY A 426 19.83 17.73 49.20
CA GLY A 426 19.77 16.47 48.48
C GLY A 426 18.72 16.45 47.36
N VAL A 427 18.50 15.26 46.77
CA VAL A 427 17.72 15.11 45.51
C VAL A 427 16.72 13.95 45.56
N VAL A 428 15.43 14.26 45.29
CA VAL A 428 14.36 13.24 45.12
C VAL A 428 14.21 12.87 43.64
N SER A 429 14.47 11.60 43.34
CA SER A 429 14.19 11.04 42.02
C SER A 429 12.83 10.33 42.04
N LEU A 430 11.90 10.87 41.26
CA LEU A 430 10.57 10.26 41.10
C LEU A 430 10.36 9.66 39.71
N VAL A 431 9.74 8.46 39.68
CA VAL A 431 9.58 7.65 38.44
C VAL A 431 8.12 7.16 38.29
N MET A 432 7.51 7.51 37.15
CA MET A 432 6.16 7.05 36.75
C MET A 432 6.19 6.27 35.44
N THR A 433 5.50 5.13 35.42
CA THR A 433 5.46 4.24 34.25
C THR A 433 4.01 3.92 33.87
N LEU A 434 3.68 4.11 32.59
CA LEU A 434 2.43 3.62 32.02
C LEU A 434 2.53 2.13 31.77
N GLY A 435 1.68 1.36 32.46
CA GLY A 435 1.91 -0.06 32.69
C GLY A 435 1.58 -0.92 31.49
N SER A 436 2.29 -2.05 31.34
CA SER A 436 2.47 -2.78 30.04
C SER A 436 3.23 -2.02 28.92
N ASP A 437 2.80 -0.77 28.62
CA ASP A 437 3.55 0.17 27.74
C ASP A 437 4.99 0.37 28.20
N ASN A 438 5.86 0.78 27.29
CA ASN A 438 7.28 0.95 27.61
C ASN A 438 7.65 2.43 27.76
N LYS A 439 7.03 3.07 28.75
CA LYS A 439 7.07 4.52 28.87
C LYS A 439 7.22 5.05 30.29
N GLN A 440 8.25 5.88 30.45
CA GLN A 440 8.77 6.30 31.75
C GLN A 440 8.83 7.82 31.78
N VAL A 441 8.31 8.43 32.85
CA VAL A 441 8.71 9.79 33.22
C VAL A 441 9.52 9.86 34.56
N GLU A 442 10.70 10.48 34.47
CA GLU A 442 11.51 10.85 35.65
C GLU A 442 11.39 12.35 36.04
N LYS A 443 11.22 12.61 37.33
CA LYS A 443 11.16 13.99 37.85
C LYS A 443 11.99 14.18 39.11
N ASN A 444 13.07 14.95 38.96
CA ASN A 444 14.04 15.20 40.04
C ASN A 444 13.79 16.52 40.78
N ILE A 445 13.54 16.41 42.10
CA ILE A 445 13.27 17.57 43.00
C ILE A 445 14.39 17.71 44.04
N THR A 446 15.12 18.83 43.96
CA THR A 446 16.17 19.14 44.92
C THR A 446 15.53 19.65 46.22
N VAL A 447 15.75 18.89 47.30
CA VAL A 447 15.31 19.29 48.66
C VAL A 447 16.49 19.97 49.41
N THR A 448 16.22 21.15 49.97
CA THR A 448 17.10 21.81 50.96
C THR A 448 16.38 22.07 52.28
N ALA A 449 17.15 22.04 53.39
CA ALA A 449 16.63 22.32 54.74
C ALA A 449 17.65 23.04 55.67
N SER A 450 17.14 23.79 56.65
CA SER A 450 17.97 24.44 57.67
C SER A 450 17.44 24.18 59.08
N VAL A 451 18.33 23.69 59.94
CA VAL A 451 18.30 24.02 61.36
C VAL A 451 19.48 24.97 61.69
N ASP A 452 19.13 26.16 62.18
CA ASP A 452 20.11 27.07 62.78
C ASP A 452 19.84 27.32 64.27
N PRO A 453 20.85 27.10 65.13
CA PRO A 453 20.66 27.19 66.59
C PRO A 453 20.56 28.65 67.09
N VAL A 454 20.72 29.61 66.18
CA VAL A 454 20.65 31.04 66.48
C VAL A 454 19.22 31.63 66.47
N ILE A 455 18.22 30.80 66.13
CA ILE A 455 16.80 31.16 66.28
C ILE A 455 16.06 30.27 67.30
N LEU A 456 14.93 30.79 67.84
CA LEU A 456 14.11 30.18 68.95
C LEU A 456 14.08 28.65 69.03
MG MG B . 11.68 10.22 74.76
MG MG C . -3.22 16.51 4.50
MG MG D . 1.97 19.25 57.62
MG MG E . 2.96 6.69 -24.71
#